data_8UJH
#
_entry.id   8UJH
#
_cell.length_a   61.722
_cell.length_b   66.833
_cell.length_c   166.047
_cell.angle_alpha   90.000
_cell.angle_beta   90.000
_cell.angle_gamma   90.000
#
_symmetry.space_group_name_H-M   'P 2 21 21'
#
loop_
_entity.id
_entity.type
_entity.pdbx_description
1 polymer 'Glycosyl transferase'
2 polymer 'SAG-related sequence SRS44'
3 non-polymer "URIDINE-5'-DIPHOSPHATE"
4 non-polymer GLYCEROL
5 non-polymer 'MANGANESE (II) ION'
6 non-polymer 2-acetamido-2-deoxy-beta-D-galactopyranose
7 water water
#
loop_
_entity_poly.entity_id
_entity_poly.type
_entity_poly.pdbx_seq_one_letter_code
_entity_poly.pdbx_strand_id
1 'polypeptide(L)'
;GARDVQEGVSSFEESGGAQLPPRVHALEVLEGAGPGRLHGRLGIKPDGQPGYTRAPSPPTDLSMPQALARGGGFNLYLSD
HLELDRTAPDARHASCRQLHYDLSTLPKASVIIVFYNEPFSTLMRSVHSVLNGTPPQILEELILVDDGSTLPYIREDGNQ
QLVEYLKLLPAKVRLIRNEVRKGIVGARMKGIRASRAPIFAILDSHIEVSPQWLEPLLLRIKEDSRRVVMPQIDGIDAET
FKHIAGGIGCKLGFLWKLMEHSYEGHQTARLPPEERQPSPTDFQTSPAMAGGLFAANKAFFFDVGAYDEDFQFWGTENLE
LSFRLWQCGGVLECAPCSRVYHIFRKGGSGYSSPGDSITINKMRTMLWMDEYADLAWRVIGKPRVNYRPESLEKRREWRK
RKGCKSFRWFMENVFPEGDVVTLDDVPYLGPLRNDKIGMCLDNMGWASPGHAVGLEYCHGGDTQTFMFFRKVGHVMPVND
DEACLQPSGRLDWCRGTAQFWWDFTSSGQLMFRETKQCLSAFGRKLRMVECDDTDPYQIWSWTAYNPPDTFTFPSVSRSI
RSG
;
A
2 'polypeptide(L)' TTTTKKPTTTTTTTKKP C
#
# COMPACT_ATOMS: atom_id res chain seq x y z
N GLU A 31 -15.38 0.46 -35.72
CA GLU A 31 -16.60 0.88 -35.05
C GLU A 31 -16.58 2.38 -34.77
N GLY A 32 -17.68 2.89 -34.21
CA GLY A 32 -17.84 4.32 -34.00
C GLY A 32 -17.01 4.87 -32.87
N ALA A 33 -15.82 5.38 -33.19
CA ALA A 33 -14.91 5.93 -32.21
C ALA A 33 -15.10 7.44 -32.08
N GLY A 34 -14.92 7.93 -30.86
CA GLY A 34 -15.04 9.35 -30.57
C GLY A 34 -14.64 9.64 -29.14
N PRO A 35 -14.82 10.88 -28.70
CA PRO A 35 -14.49 11.22 -27.31
C PRO A 35 -15.36 10.44 -26.34
N GLY A 36 -14.69 9.77 -25.40
CA GLY A 36 -15.36 8.86 -24.49
C GLY A 36 -15.41 7.42 -24.96
N ARG A 37 -15.14 7.17 -26.24
CA ARG A 37 -15.06 5.82 -26.79
C ARG A 37 -13.89 5.78 -27.77
N LEU A 38 -12.68 5.99 -27.25
CA LEU A 38 -11.52 6.18 -28.12
C LEU A 38 -11.16 4.94 -28.90
N HIS A 39 -11.64 3.76 -28.49
CA HIS A 39 -11.49 2.54 -29.28
C HIS A 39 -12.80 2.15 -29.97
N GLY A 40 -13.82 2.99 -29.88
CA GLY A 40 -15.10 2.70 -30.50
C GLY A 40 -16.08 2.08 -29.52
N ARG A 41 -17.22 1.67 -30.07
CA ARG A 41 -18.27 1.05 -29.28
C ARG A 41 -17.86 -0.39 -28.97
N LEU A 42 -17.73 -0.72 -27.68
CA LEU A 42 -17.17 -2.00 -27.25
C LEU A 42 -18.27 -2.96 -26.83
N GLY A 43 -17.99 -4.26 -27.00
CA GLY A 43 -18.90 -5.30 -26.56
C GLY A 43 -20.25 -5.27 -27.22
N ILE A 44 -20.27 -5.18 -28.56
CA ILE A 44 -21.50 -5.19 -29.33
C ILE A 44 -21.44 -6.37 -30.30
N LYS A 45 -22.47 -7.23 -30.25
CA LYS A 45 -22.55 -8.38 -31.12
C LYS A 45 -22.82 -7.94 -32.55
N PRO A 46 -22.70 -8.86 -33.52
CA PRO A 46 -23.30 -8.59 -34.84
C PRO A 46 -24.81 -8.44 -34.75
N ASP A 47 -25.43 -9.04 -33.75
CA ASP A 47 -26.86 -8.84 -33.48
C ASP A 47 -27.19 -7.36 -33.31
N GLY A 48 -26.22 -6.56 -32.86
CA GLY A 48 -26.46 -5.17 -32.54
C GLY A 48 -26.80 -4.93 -31.08
N GLN A 49 -26.78 -5.95 -30.25
CA GLN A 49 -27.08 -5.87 -28.83
C GLN A 49 -25.81 -6.07 -28.01
N PRO A 50 -25.78 -5.55 -26.78
CA PRO A 50 -24.60 -5.76 -25.93
C PRO A 50 -24.34 -7.24 -25.71
N GLY A 51 -23.04 -7.60 -25.69
CA GLY A 51 -22.65 -8.94 -25.31
C GLY A 51 -22.77 -9.23 -23.83
N TYR A 52 -23.31 -8.29 -23.06
CA TYR A 52 -23.41 -8.40 -21.60
C TYR A 52 -24.77 -7.89 -21.17
N THR A 53 -25.56 -8.76 -20.58
CA THR A 53 -26.91 -8.41 -20.11
C THR A 53 -26.80 -7.86 -18.69
N ARG A 54 -27.01 -6.55 -18.55
CA ARG A 54 -27.00 -5.93 -17.23
C ARG A 54 -28.08 -6.56 -16.35
N ALA A 55 -27.88 -6.45 -15.04
CA ALA A 55 -28.83 -6.97 -14.07
C ALA A 55 -29.86 -5.90 -13.72
N PRO A 56 -30.99 -6.29 -13.13
CA PRO A 56 -31.95 -5.30 -12.67
C PRO A 56 -31.43 -4.62 -11.40
N SER A 57 -32.15 -3.57 -10.99
CA SER A 57 -31.75 -2.84 -9.80
C SER A 57 -31.61 -3.81 -8.62
N PRO A 58 -30.62 -3.65 -7.76
CA PRO A 58 -30.45 -4.59 -6.64
C PRO A 58 -31.72 -4.72 -5.83
N PRO A 59 -31.98 -5.89 -5.25
CA PRO A 59 -33.19 -6.05 -4.44
C PRO A 59 -33.25 -5.04 -3.31
N THR A 60 -34.47 -4.57 -3.01
CA THR A 60 -34.66 -3.65 -1.91
C THR A 60 -34.35 -4.31 -0.58
N ASP A 61 -34.58 -5.62 -0.48
CA ASP A 61 -34.25 -6.37 0.74
C ASP A 61 -32.82 -6.91 0.63
N LEU A 62 -31.88 -5.98 0.74
CA LEU A 62 -30.46 -6.30 0.61
C LEU A 62 -29.73 -5.88 1.89
N SER A 63 -29.16 -6.86 2.59
CA SER A 63 -28.34 -6.60 3.77
C SER A 63 -26.92 -6.33 3.30
N MET A 64 -26.53 -5.05 3.29
CA MET A 64 -25.22 -4.67 2.77
C MET A 64 -24.09 -5.54 3.30
N PRO A 65 -24.02 -5.86 4.59
CA PRO A 65 -22.93 -6.74 5.06
C PRO A 65 -22.91 -8.08 4.35
N GLN A 66 -24.07 -8.69 4.12
CA GLN A 66 -24.11 -9.97 3.43
C GLN A 66 -23.71 -9.83 1.97
N ALA A 67 -24.13 -8.74 1.33
CA ALA A 67 -23.76 -8.53 -0.07
C ALA A 67 -22.28 -8.19 -0.21
N LEU A 68 -21.69 -7.53 0.80
CA LEU A 68 -20.27 -7.27 0.78
C LEU A 68 -19.46 -8.56 0.94
N ALA A 69 -20.09 -9.64 1.39
CA ALA A 69 -19.44 -10.94 1.50
C ALA A 69 -19.59 -11.75 0.20
N ARG A 70 -20.80 -11.81 -0.33
CA ARG A 70 -21.01 -12.51 -1.60
C ARG A 70 -20.11 -11.98 -2.70
N GLY A 71 -19.81 -10.68 -2.67
CA GLY A 71 -19.00 -10.06 -3.71
C GLY A 71 -17.56 -9.86 -3.33
N GLY A 72 -17.11 -10.55 -2.28
CA GLY A 72 -15.72 -10.50 -1.88
C GLY A 72 -15.21 -9.08 -1.63
N GLY A 73 -15.95 -8.31 -0.84
CA GLY A 73 -15.50 -7.00 -0.41
C GLY A 73 -16.22 -5.83 -1.06
N PHE A 74 -17.10 -6.07 -2.03
CA PHE A 74 -17.87 -4.99 -2.63
C PHE A 74 -19.22 -5.53 -3.08
N ASN A 75 -20.14 -4.59 -3.36
CA ASN A 75 -21.52 -4.92 -3.69
C ASN A 75 -21.60 -5.36 -5.14
N LEU A 76 -21.69 -6.67 -5.36
CA LEU A 76 -21.83 -7.20 -6.71
C LEU A 76 -23.23 -7.02 -7.27
N TYR A 77 -24.23 -6.82 -6.41
CA TYR A 77 -25.58 -6.57 -6.90
C TYR A 77 -25.65 -5.25 -7.65
N LEU A 78 -25.01 -4.21 -7.12
CA LEU A 78 -25.01 -2.91 -7.79
C LEU A 78 -23.99 -2.88 -8.92
N SER A 79 -22.84 -3.53 -8.71
CA SER A 79 -21.85 -3.61 -9.79
C SER A 79 -22.44 -4.25 -11.03
N ASP A 80 -23.23 -5.32 -10.85
CA ASP A 80 -23.84 -6.01 -11.97
C ASP A 80 -24.96 -5.20 -12.61
N HIS A 81 -25.55 -4.25 -11.89
CA HIS A 81 -26.59 -3.41 -12.44
C HIS A 81 -26.04 -2.23 -13.23
N LEU A 82 -24.79 -1.84 -12.97
CA LEU A 82 -24.20 -0.66 -13.60
C LEU A 82 -23.61 -1.01 -14.96
N GLU A 83 -23.78 -0.10 -15.91
CA GLU A 83 -23.22 -0.29 -17.24
C GLU A 83 -21.73 -0.50 -17.17
N LEU A 84 -21.18 -1.13 -18.21
CA LEU A 84 -19.73 -1.25 -18.33
C LEU A 84 -19.11 0.04 -18.87
N ASP A 85 -19.83 0.77 -19.72
CA ASP A 85 -19.39 2.08 -20.20
C ASP A 85 -19.84 3.16 -19.20
N ARG A 86 -19.33 3.04 -17.98
CA ARG A 86 -19.77 3.88 -16.87
C ARG A 86 -19.06 5.22 -16.90
N THR A 87 -19.83 6.30 -16.95
CA THR A 87 -19.26 7.64 -16.89
C THR A 87 -18.72 7.91 -15.50
N ALA A 88 -17.50 8.43 -15.43
CA ALA A 88 -16.87 8.80 -14.19
C ALA A 88 -16.55 10.29 -14.19
N PRO A 89 -16.68 10.97 -13.05
CA PRO A 89 -16.29 12.38 -13.01
C PRO A 89 -14.79 12.55 -13.21
N ASP A 90 -14.43 13.68 -13.82
CA ASP A 90 -13.02 14.03 -14.01
C ASP A 90 -12.47 14.50 -12.67
N ALA A 91 -11.77 13.60 -11.98
CA ALA A 91 -11.18 13.95 -10.69
C ALA A 91 -9.94 14.82 -10.81
N ARG A 92 -9.58 15.29 -12.00
CA ARG A 92 -8.33 16.01 -12.20
C ARG A 92 -8.50 17.50 -11.91
N HIS A 93 -7.48 18.09 -11.29
CA HIS A 93 -7.46 19.53 -11.06
C HIS A 93 -7.51 20.27 -12.40
N ALA A 94 -8.17 21.43 -12.40
CA ALA A 94 -8.40 22.15 -13.65
C ALA A 94 -7.10 22.41 -14.40
N SER A 95 -5.98 22.52 -13.70
CA SER A 95 -4.72 22.78 -14.36
C SER A 95 -4.30 21.61 -15.26
N CYS A 96 -4.73 20.40 -14.92
CA CYS A 96 -4.29 19.23 -15.68
C CYS A 96 -4.87 19.20 -17.09
N ARG A 97 -6.06 19.77 -17.29
CA ARG A 97 -6.70 19.76 -18.60
C ARG A 97 -6.16 20.82 -19.53
N GLN A 98 -5.41 21.80 -19.01
CA GLN A 98 -4.76 22.81 -19.83
C GLN A 98 -3.43 22.34 -20.37
N LEU A 99 -3.08 21.07 -20.15
CA LEU A 99 -1.84 20.49 -20.67
C LEU A 99 -2.13 19.78 -21.99
N HIS A 100 -1.21 19.93 -22.94
CA HIS A 100 -1.34 19.32 -24.25
C HIS A 100 -0.30 18.22 -24.41
N TYR A 101 -0.68 17.18 -25.15
CA TYR A 101 0.17 16.02 -25.38
C TYR A 101 0.19 15.69 -26.86
N ASP A 102 1.36 15.26 -27.35
CA ASP A 102 1.55 14.91 -28.75
C ASP A 102 1.64 13.38 -28.82
N LEU A 103 0.53 12.73 -29.16
CA LEU A 103 0.47 11.27 -29.17
C LEU A 103 1.36 10.65 -30.22
N SER A 104 1.95 11.45 -31.13
CA SER A 104 2.87 10.92 -32.11
C SER A 104 4.31 10.91 -31.63
N THR A 105 4.63 11.69 -30.60
CA THR A 105 5.96 11.68 -30.00
C THR A 105 6.07 10.68 -28.86
N LEU A 106 4.94 10.30 -28.25
CA LEU A 106 4.97 9.43 -27.08
C LEU A 106 5.15 7.98 -27.49
N PRO A 107 5.80 7.17 -26.66
CA PRO A 107 5.91 5.74 -26.93
C PRO A 107 4.67 4.99 -26.47
N LYS A 108 4.44 3.84 -27.11
CA LYS A 108 3.30 3.02 -26.76
C LYS A 108 3.53 2.32 -25.42
N ALA A 109 2.42 1.88 -24.82
CA ALA A 109 2.47 1.23 -23.51
C ALA A 109 1.54 0.03 -23.50
N SER A 110 1.97 -1.03 -22.82
CA SER A 110 1.16 -2.22 -22.62
C SER A 110 0.55 -2.16 -21.23
N VAL A 111 -0.78 -2.07 -21.18
CA VAL A 111 -1.49 -2.08 -19.90
C VAL A 111 -1.69 -3.53 -19.48
N ILE A 112 -1.40 -3.82 -18.22
CA ILE A 112 -1.43 -5.18 -17.68
C ILE A 112 -2.40 -5.20 -16.51
N ILE A 113 -3.51 -5.92 -16.67
CA ILE A 113 -4.48 -6.12 -15.61
C ILE A 113 -4.48 -7.60 -15.26
N VAL A 114 -4.05 -7.92 -14.04
CA VAL A 114 -4.05 -9.28 -13.54
C VAL A 114 -5.18 -9.40 -12.53
N PHE A 115 -5.76 -10.61 -12.44
CA PHE A 115 -6.93 -10.82 -11.59
C PHE A 115 -7.00 -12.26 -11.15
N TYR A 116 -7.49 -12.47 -9.93
CA TYR A 116 -7.83 -13.80 -9.43
C TYR A 116 -9.28 -13.75 -8.94
N ASN A 117 -10.18 -14.40 -9.67
CA ASN A 117 -11.58 -14.51 -9.28
C ASN A 117 -12.24 -13.13 -9.14
N GLU A 118 -11.95 -12.24 -10.08
CA GLU A 118 -12.64 -10.96 -10.11
C GLU A 118 -13.98 -11.12 -10.84
N PRO A 119 -15.08 -10.60 -10.28
CA PRO A 119 -16.35 -10.71 -10.99
C PRO A 119 -16.29 -10.12 -12.39
N PHE A 120 -17.26 -10.53 -13.21
CA PHE A 120 -17.29 -10.10 -14.60
C PHE A 120 -17.51 -8.60 -14.71
N SER A 121 -18.48 -8.06 -13.95
CA SER A 121 -18.84 -6.66 -14.10
C SER A 121 -17.66 -5.74 -13.79
N THR A 122 -16.92 -6.02 -12.73
CA THR A 122 -15.82 -5.13 -12.36
C THR A 122 -14.63 -5.30 -13.30
N LEU A 123 -14.29 -6.54 -13.65
CA LEU A 123 -13.16 -6.77 -14.55
C LEU A 123 -13.41 -6.11 -15.90
N MET A 124 -14.60 -6.30 -16.46
CA MET A 124 -14.89 -5.81 -17.80
C MET A 124 -15.20 -4.32 -17.81
N ARG A 125 -15.61 -3.74 -16.69
CA ARG A 125 -15.75 -2.29 -16.63
C ARG A 125 -14.38 -1.62 -16.52
N SER A 126 -13.40 -2.30 -15.92
CA SER A 126 -12.03 -1.80 -15.96
C SER A 126 -11.49 -1.79 -17.38
N VAL A 127 -11.78 -2.84 -18.14
CA VAL A 127 -11.33 -2.92 -19.52
C VAL A 127 -11.99 -1.84 -20.36
N HIS A 128 -13.30 -1.71 -20.26
CA HIS A 128 -14.01 -0.67 -21.01
C HIS A 128 -13.46 0.71 -20.68
N SER A 129 -13.18 0.96 -19.39
CA SER A 129 -12.69 2.28 -18.99
C SER A 129 -11.34 2.57 -19.64
N VAL A 130 -10.43 1.59 -19.64
CA VAL A 130 -9.13 1.80 -20.26
C VAL A 130 -9.28 2.05 -21.76
N LEU A 131 -9.93 1.13 -22.45
CA LEU A 131 -10.09 1.27 -23.91
C LEU A 131 -10.83 2.55 -24.27
N ASN A 132 -11.86 2.89 -23.51
CA ASN A 132 -12.66 4.07 -23.83
C ASN A 132 -11.90 5.36 -23.51
N GLY A 133 -10.99 5.32 -22.53
CA GLY A 133 -10.30 6.51 -22.08
C GLY A 133 -8.82 6.57 -22.41
N THR A 134 -8.33 5.74 -23.31
CA THR A 134 -6.91 5.73 -23.69
C THR A 134 -6.84 5.82 -25.21
N PRO A 135 -6.17 6.83 -25.77
CA PRO A 135 -6.04 6.91 -27.23
C PRO A 135 -5.40 5.65 -27.79
N PRO A 136 -5.87 5.15 -28.93
CA PRO A 136 -5.21 3.98 -29.53
C PRO A 136 -3.77 4.25 -29.94
N GLN A 137 -3.42 5.50 -30.24
CA GLN A 137 -2.07 5.81 -30.67
C GLN A 137 -1.03 5.39 -29.63
N ILE A 138 -1.39 5.42 -28.35
CA ILE A 138 -0.44 5.20 -27.27
C ILE A 138 -0.67 3.89 -26.53
N LEU A 139 -1.69 3.13 -26.88
CA LEU A 139 -1.99 1.85 -26.23
C LEU A 139 -1.59 0.73 -27.18
N GLU A 140 -0.41 0.14 -26.93
CA GLU A 140 0.01 -1.01 -27.71
C GLU A 140 -0.98 -2.16 -27.56
N GLU A 141 -1.23 -2.57 -26.32
CA GLU A 141 -2.03 -3.75 -26.04
C GLU A 141 -2.60 -3.65 -24.64
N LEU A 142 -3.59 -4.50 -24.36
CA LEU A 142 -4.16 -4.66 -23.02
C LEU A 142 -4.09 -6.14 -22.68
N ILE A 143 -3.20 -6.50 -21.77
CA ILE A 143 -2.93 -7.88 -21.42
C ILE A 143 -3.70 -8.22 -20.15
N LEU A 144 -4.62 -9.17 -20.25
CA LEU A 144 -5.34 -9.70 -19.10
C LEU A 144 -4.65 -10.98 -18.64
N VAL A 145 -4.35 -11.07 -17.34
CA VAL A 145 -3.61 -12.19 -16.78
C VAL A 145 -4.49 -12.87 -15.75
N ASP A 146 -5.00 -14.05 -16.08
CA ASP A 146 -5.78 -14.86 -15.16
C ASP A 146 -4.82 -15.64 -14.27
N ASP A 147 -4.81 -15.34 -12.98
CA ASP A 147 -3.88 -15.98 -12.03
C ASP A 147 -4.51 -17.23 -11.42
N GLY A 148 -4.82 -18.19 -12.29
CA GLY A 148 -5.39 -19.45 -11.85
C GLY A 148 -6.78 -19.33 -11.26
N SER A 149 -7.65 -18.56 -11.89
CA SER A 149 -8.99 -18.35 -11.37
C SER A 149 -9.77 -19.65 -11.36
N THR A 150 -10.75 -19.74 -10.46
CA THR A 150 -11.63 -20.89 -10.35
C THR A 150 -13.07 -20.56 -10.71
N LEU A 151 -13.42 -19.29 -10.87
CA LEU A 151 -14.79 -18.93 -11.17
C LEU A 151 -15.22 -19.56 -12.50
N PRO A 152 -16.45 -20.07 -12.59
CA PRO A 152 -16.85 -20.74 -13.85
C PRO A 152 -16.80 -19.85 -15.06
N TYR A 153 -16.99 -18.53 -14.91
CA TYR A 153 -17.00 -17.65 -16.07
C TYR A 153 -15.60 -17.39 -16.61
N ILE A 154 -14.55 -17.79 -15.89
CA ILE A 154 -13.17 -17.61 -16.32
C ILE A 154 -12.53 -18.92 -16.75
N ARG A 155 -12.81 -20.01 -16.04
CA ARG A 155 -12.11 -21.27 -16.27
C ARG A 155 -12.16 -21.64 -17.75
N GLU A 156 -11.09 -22.30 -18.20
CA GLU A 156 -11.05 -22.75 -19.59
C GLU A 156 -12.00 -23.92 -19.82
N ASP A 157 -12.29 -24.69 -18.78
CA ASP A 157 -13.27 -25.77 -18.85
C ASP A 157 -14.63 -25.33 -18.31
N GLY A 158 -14.91 -24.05 -18.32
CA GLY A 158 -16.14 -23.48 -17.79
C GLY A 158 -17.14 -23.13 -18.87
N ASN A 159 -17.93 -22.09 -18.61
CA ASN A 159 -19.00 -21.68 -19.51
C ASN A 159 -18.52 -20.76 -20.63
N GLN A 160 -17.26 -20.34 -20.61
CA GLN A 160 -16.65 -19.54 -21.67
C GLN A 160 -17.19 -18.13 -21.74
N GLN A 161 -17.74 -17.59 -20.65
CA GLN A 161 -18.32 -16.26 -20.70
C GLN A 161 -17.28 -15.21 -21.05
N LEU A 162 -16.13 -15.23 -20.36
CA LEU A 162 -15.12 -14.21 -20.58
C LEU A 162 -14.53 -14.29 -21.99
N VAL A 163 -14.07 -15.47 -22.40
CA VAL A 163 -13.41 -15.60 -23.70
C VAL A 163 -14.38 -15.25 -24.82
N GLU A 164 -15.63 -15.71 -24.71
CA GLU A 164 -16.62 -15.36 -25.73
C GLU A 164 -16.83 -13.85 -25.79
N TYR A 165 -16.80 -13.18 -24.65
CA TYR A 165 -17.01 -11.74 -24.64
C TYR A 165 -15.79 -10.99 -25.16
N LEU A 166 -14.59 -11.56 -25.00
CA LEU A 166 -13.40 -10.89 -25.51
C LEU A 166 -13.39 -10.82 -27.02
N LYS A 167 -14.09 -11.76 -27.69
CA LYS A 167 -14.20 -11.68 -29.14
C LYS A 167 -14.91 -10.41 -29.59
N LEU A 168 -15.72 -9.80 -28.72
CA LEU A 168 -16.43 -8.58 -29.03
C LEU A 168 -15.64 -7.33 -28.69
N LEU A 169 -14.37 -7.47 -28.32
CA LEU A 169 -13.52 -6.34 -27.98
C LEU A 169 -12.37 -6.24 -28.97
N PRO A 170 -11.64 -5.11 -29.00
CA PRO A 170 -10.52 -4.98 -29.92
C PRO A 170 -9.55 -6.15 -29.86
N ALA A 171 -8.77 -6.33 -30.93
CA ALA A 171 -7.73 -7.36 -30.94
C ALA A 171 -6.54 -6.98 -30.08
N LYS A 172 -6.40 -5.70 -29.72
CA LYS A 172 -5.40 -5.30 -28.74
C LYS A 172 -5.51 -6.15 -27.47
N VAL A 173 -6.74 -6.44 -27.05
CA VAL A 173 -6.96 -7.11 -25.78
C VAL A 173 -6.58 -8.58 -25.91
N ARG A 174 -5.75 -9.05 -24.98
CA ARG A 174 -5.24 -10.41 -25.02
C ARG A 174 -5.36 -11.02 -23.62
N LEU A 175 -5.79 -12.27 -23.56
CA LEU A 175 -5.87 -13.03 -22.33
C LEU A 175 -4.77 -14.06 -22.28
N ILE A 176 -4.05 -14.12 -21.16
CA ILE A 176 -3.08 -15.17 -20.88
C ILE A 176 -3.39 -15.70 -19.49
N ARG A 177 -2.89 -16.90 -19.22
CA ARG A 177 -3.30 -17.64 -18.04
C ARG A 177 -2.11 -18.23 -17.31
N ASN A 178 -2.17 -18.17 -15.98
CA ASN A 178 -1.33 -19.01 -15.11
C ASN A 178 -2.15 -20.25 -14.76
N GLU A 179 -1.64 -21.43 -15.12
CA GLU A 179 -2.40 -22.66 -14.87
C GLU A 179 -2.63 -22.88 -13.38
N VAL A 180 -1.83 -22.27 -12.52
CA VAL A 180 -2.00 -22.34 -11.07
C VAL A 180 -1.73 -20.96 -10.50
N ARG A 181 -2.60 -20.50 -9.60
CA ARG A 181 -2.45 -19.19 -8.99
C ARG A 181 -1.06 -19.05 -8.38
N LYS A 182 -0.33 -18.03 -8.84
CA LYS A 182 1.01 -17.74 -8.34
C LYS A 182 1.08 -16.53 -7.42
N GLY A 183 0.04 -15.69 -7.41
CA GLY A 183 0.06 -14.48 -6.61
C GLY A 183 0.29 -13.25 -7.47
N ILE A 184 0.31 -12.10 -6.78
CA ILE A 184 0.44 -10.82 -7.47
C ILE A 184 1.76 -10.74 -8.23
N VAL A 185 2.86 -11.05 -7.55
CA VAL A 185 4.17 -10.98 -8.21
C VAL A 185 4.24 -11.99 -9.35
N GLY A 186 3.71 -13.19 -9.14
CA GLY A 186 3.75 -14.19 -10.18
C GLY A 186 2.96 -13.80 -11.42
N ALA A 187 1.77 -13.21 -11.21
CA ALA A 187 0.93 -12.85 -12.33
C ALA A 187 1.43 -11.61 -13.05
N ARG A 188 1.91 -10.61 -12.30
CA ARG A 188 2.40 -9.40 -12.93
C ARG A 188 3.66 -9.66 -13.75
N MET A 189 4.48 -10.62 -13.32
CA MET A 189 5.63 -11.00 -14.13
C MET A 189 5.19 -11.68 -15.42
N LYS A 190 4.21 -12.58 -15.33
CA LYS A 190 3.69 -13.21 -16.54
C LYS A 190 3.21 -12.15 -17.53
N GLY A 191 2.55 -11.11 -17.03
CA GLY A 191 2.07 -10.06 -17.91
C GLY A 191 3.19 -9.18 -18.45
N ILE A 192 4.09 -8.75 -17.56
CA ILE A 192 5.18 -7.89 -17.99
C ILE A 192 6.05 -8.58 -19.04
N ARG A 193 6.51 -9.80 -18.73
N ARG A 193 6.49 -9.81 -18.73
CA ARG A 193 7.35 -10.53 -19.67
CA ARG A 193 7.35 -10.52 -19.67
C ARG A 193 6.67 -10.69 -21.03
C ARG A 193 6.67 -10.71 -21.02
N ALA A 194 5.34 -10.74 -21.05
CA ALA A 194 4.62 -10.89 -22.30
C ALA A 194 4.39 -9.57 -23.02
N SER A 195 4.51 -8.44 -22.31
CA SER A 195 4.30 -7.14 -22.94
C SER A 195 5.33 -6.91 -24.03
N ARG A 196 4.92 -6.19 -25.08
CA ARG A 196 5.78 -5.91 -26.22
C ARG A 196 6.08 -4.43 -26.39
N ALA A 197 5.50 -3.56 -25.56
CA ALA A 197 5.82 -2.15 -25.61
C ALA A 197 7.07 -1.87 -24.77
N PRO A 198 7.74 -0.75 -25.01
CA PRO A 198 8.87 -0.38 -24.14
C PRO A 198 8.43 0.04 -22.75
N ILE A 199 7.18 0.47 -22.59
CA ILE A 199 6.62 0.85 -21.30
C ILE A 199 5.44 -0.06 -21.00
N PHE A 200 5.24 -0.36 -19.72
CA PHE A 200 4.09 -1.11 -19.26
C PHE A 200 3.44 -0.37 -18.10
N ALA A 201 2.13 -0.51 -17.98
CA ALA A 201 1.37 0.08 -16.89
C ALA A 201 0.50 -1.00 -16.26
N ILE A 202 0.57 -1.12 -14.94
CA ILE A 202 -0.16 -2.14 -14.20
C ILE A 202 -1.35 -1.47 -13.52
N LEU A 203 -2.52 -2.08 -13.65
CA LEU A 203 -3.75 -1.60 -13.03
C LEU A 203 -4.45 -2.76 -12.33
N ASP A 204 -5.06 -2.47 -11.18
CA ASP A 204 -5.93 -3.44 -10.55
C ASP A 204 -7.11 -3.76 -11.48
N SER A 205 -7.82 -4.85 -11.16
CA SER A 205 -8.92 -5.32 -11.98
C SER A 205 -10.28 -4.80 -11.51
N HIS A 206 -10.30 -3.67 -10.79
CA HIS A 206 -11.53 -3.09 -10.27
C HIS A 206 -11.31 -1.58 -10.16
N ILE A 207 -11.16 -0.92 -11.32
CA ILE A 207 -10.77 0.47 -11.39
C ILE A 207 -11.56 1.18 -12.47
N GLU A 208 -11.51 2.51 -12.44
CA GLU A 208 -12.07 3.36 -13.48
C GLU A 208 -11.15 4.57 -13.63
N VAL A 209 -10.81 4.92 -14.85
CA VAL A 209 -9.83 5.97 -15.11
C VAL A 209 -10.54 7.31 -15.26
N SER A 210 -9.81 8.37 -14.90
CA SER A 210 -10.14 9.72 -15.30
C SER A 210 -9.51 10.01 -16.66
N PRO A 211 -10.02 11.01 -17.37
CA PRO A 211 -9.50 11.25 -18.73
C PRO A 211 -8.01 11.54 -18.73
N GLN A 212 -7.36 11.17 -19.84
CA GLN A 212 -5.93 11.39 -20.03
C GLN A 212 -5.11 10.87 -18.85
N TRP A 213 -5.41 9.62 -18.45
CA TRP A 213 -4.72 9.02 -17.33
C TRP A 213 -3.31 8.55 -17.71
N LEU A 214 -3.12 8.08 -18.94
CA LEU A 214 -1.85 7.47 -19.34
C LEU A 214 -0.86 8.48 -19.90
N GLU A 215 -1.34 9.51 -20.60
CA GLU A 215 -0.42 10.44 -21.25
C GLU A 215 0.59 11.06 -20.28
N PRO A 216 0.21 11.51 -19.08
CA PRO A 216 1.21 12.06 -18.17
C PRO A 216 2.29 11.04 -17.78
N LEU A 217 1.93 9.76 -17.67
CA LEU A 217 2.90 8.75 -17.30
C LEU A 217 3.90 8.52 -18.43
N LEU A 218 3.41 8.36 -19.66
CA LEU A 218 4.29 8.14 -20.80
C LEU A 218 5.24 9.32 -20.98
N LEU A 219 4.70 10.54 -20.94
CA LEU A 219 5.53 11.72 -21.14
C LEU A 219 6.66 11.78 -20.13
N ARG A 220 6.39 11.38 -18.88
CA ARG A 220 7.40 11.46 -17.83
C ARG A 220 8.50 10.42 -18.03
N ILE A 221 8.12 9.19 -18.37
CA ILE A 221 9.11 8.13 -18.56
C ILE A 221 9.87 8.34 -19.87
N LYS A 222 9.23 8.96 -20.87
CA LYS A 222 9.91 9.24 -22.12
C LYS A 222 11.18 10.05 -21.89
N GLU A 223 11.20 10.92 -20.88
CA GLU A 223 12.34 11.78 -20.64
C GLU A 223 13.44 11.11 -19.83
N ASP A 224 13.08 10.15 -18.98
CA ASP A 224 14.06 9.42 -18.19
C ASP A 224 13.50 8.03 -17.90
N SER A 225 14.16 7.00 -18.43
CA SER A 225 13.68 5.64 -18.28
C SER A 225 13.77 5.12 -16.85
N ARG A 226 14.53 5.80 -15.97
CA ARG A 226 14.69 5.34 -14.59
C ARG A 226 13.53 5.76 -13.69
N ARG A 227 12.52 6.44 -14.22
CA ARG A 227 11.41 6.92 -13.41
C ARG A 227 10.29 5.90 -13.41
N VAL A 228 9.89 5.47 -12.22
CA VAL A 228 8.68 4.68 -12.04
C VAL A 228 7.60 5.63 -11.54
N VAL A 229 6.56 5.82 -12.35
CA VAL A 229 5.55 6.85 -12.11
C VAL A 229 4.23 6.18 -11.78
N MET A 230 3.60 6.62 -10.70
CA MET A 230 2.34 6.07 -10.26
C MET A 230 1.27 7.15 -10.27
N PRO A 231 0.07 6.85 -10.77
CA PRO A 231 -1.01 7.83 -10.70
C PRO A 231 -1.51 8.02 -9.27
N GLN A 232 -2.15 9.17 -9.06
CA GLN A 232 -2.94 9.35 -7.86
C GLN A 232 -4.18 8.46 -7.93
N ILE A 233 -4.50 7.81 -6.82
CA ILE A 233 -5.62 6.89 -6.76
C ILE A 233 -6.80 7.59 -6.11
N ASP A 234 -7.99 7.39 -6.69
CA ASP A 234 -9.25 7.85 -6.14
C ASP A 234 -10.07 6.64 -5.71
N GLY A 235 -11.29 6.89 -5.25
CA GLY A 235 -12.09 5.87 -4.60
C GLY A 235 -13.42 5.60 -5.28
N ILE A 236 -13.80 4.33 -5.31
CA ILE A 236 -15.15 3.90 -5.66
C ILE A 236 -15.73 3.19 -4.44
N ASP A 237 -16.79 3.76 -3.86
CA ASP A 237 -17.35 3.21 -2.64
C ASP A 237 -17.80 1.77 -2.87
N ALA A 238 -17.36 0.88 -1.99
CA ALA A 238 -17.67 -0.54 -2.16
C ALA A 238 -19.16 -0.82 -1.99
N GLU A 239 -19.86 0.00 -1.21
CA GLU A 239 -21.28 -0.22 -0.96
C GLU A 239 -22.16 0.45 -2.01
N THR A 240 -21.90 1.73 -2.30
CA THR A 240 -22.75 2.51 -3.19
C THR A 240 -22.13 2.77 -4.56
N PHE A 241 -20.83 2.56 -4.73
CA PHE A 241 -20.12 2.80 -5.98
C PHE A 241 -20.08 4.27 -6.37
N LYS A 242 -20.21 5.18 -5.42
CA LYS A 242 -19.97 6.59 -5.69
C LYS A 242 -18.49 6.81 -5.97
N HIS A 243 -18.19 7.73 -6.89
CA HIS A 243 -16.82 8.14 -7.13
C HIS A 243 -16.41 9.18 -6.09
N ILE A 244 -15.30 8.93 -5.41
CA ILE A 244 -14.86 9.77 -4.29
C ILE A 244 -13.56 10.46 -4.69
N ALA A 245 -13.44 11.74 -4.31
CA ALA A 245 -12.32 12.55 -4.77
C ALA A 245 -10.98 11.97 -4.30
N GLY A 246 -10.76 11.94 -2.99
CA GLY A 246 -9.47 11.56 -2.46
C GLY A 246 -9.32 10.07 -2.22
N GLY A 247 -8.31 9.46 -2.84
CA GLY A 247 -8.01 8.06 -2.61
C GLY A 247 -6.78 7.84 -1.76
N ILE A 248 -5.59 7.85 -2.37
CA ILE A 248 -4.34 7.60 -1.67
C ILE A 248 -3.45 8.83 -1.63
N GLY A 249 -3.19 9.43 -2.78
CA GLY A 249 -2.43 10.67 -2.84
C GLY A 249 -1.03 10.47 -3.40
N CYS A 250 -0.14 11.41 -3.04
CA CYS A 250 1.20 11.40 -3.59
C CYS A 250 2.25 10.92 -2.57
N LYS A 251 2.72 11.79 -1.68
CA LYS A 251 3.81 11.43 -0.79
C LYS A 251 3.38 10.31 0.15
N LEU A 252 4.06 9.16 0.06
CA LEU A 252 3.75 7.99 0.86
C LEU A 252 5.00 7.52 1.58
N GLY A 253 4.90 7.36 2.89
CA GLY A 253 5.92 6.75 3.70
C GLY A 253 5.63 5.29 3.98
N PHE A 254 6.07 4.82 5.14
CA PHE A 254 5.82 3.44 5.54
C PHE A 254 5.82 3.34 7.05
N LEU A 255 5.01 2.41 7.56
CA LEU A 255 5.00 2.09 8.98
C LEU A 255 5.93 0.91 9.24
N TRP A 256 6.38 0.79 10.49
CA TRP A 256 7.30 -0.27 10.85
C TRP A 256 6.63 -1.64 10.92
N LYS A 257 5.32 -1.71 10.68
CA LYS A 257 4.63 -2.97 10.41
C LYS A 257 4.79 -3.38 8.95
N LEU A 258 5.62 -2.66 8.19
CA LEU A 258 5.86 -2.92 6.77
C LEU A 258 4.57 -2.80 5.97
N MET A 259 4.06 -1.57 5.93
CA MET A 259 2.88 -1.23 5.13
C MET A 259 2.95 0.25 4.80
N GLU A 260 2.73 0.58 3.52
CA GLU A 260 2.78 1.97 3.09
C GLU A 260 1.84 2.82 3.93
N HIS A 261 2.21 4.09 4.10
CA HIS A 261 1.47 5.01 4.97
C HIS A 261 1.62 6.43 4.45
N SER A 262 0.49 7.06 4.15
CA SER A 262 0.53 8.43 3.65
C SER A 262 1.15 9.37 4.67
N TYR A 263 1.83 10.40 4.17
CA TYR A 263 2.45 11.39 5.04
C TYR A 263 1.40 12.00 5.96
N GLU A 264 1.66 11.93 7.26
CA GLU A 264 0.81 12.63 8.21
C GLU A 264 1.18 14.11 8.22
N GLY A 265 0.38 14.92 8.92
CA GLY A 265 0.58 16.36 8.88
C GLY A 265 1.95 16.77 9.38
N HIS A 266 2.37 16.20 10.52
CA HIS A 266 3.67 16.57 11.08
C HIS A 266 4.82 16.12 10.20
N GLN A 267 4.58 15.18 9.28
CA GLN A 267 5.63 14.77 8.35
C GLN A 267 5.71 15.72 7.16
N THR A 268 4.56 16.11 6.61
CA THR A 268 4.56 17.14 5.58
C THR A 268 5.22 18.42 6.09
N ALA A 269 4.98 18.76 7.36
CA ALA A 269 5.57 19.97 7.93
C ALA A 269 7.09 19.94 7.89
N ARG A 270 7.69 18.75 7.85
CA ARG A 270 9.14 18.63 7.82
C ARG A 270 9.73 18.77 6.43
N LEU A 271 8.89 18.80 5.38
CA LEU A 271 9.39 18.98 4.04
C LEU A 271 10.03 20.36 3.90
N PRO A 272 10.94 20.52 2.93
CA PRO A 272 11.41 21.86 2.59
C PRO A 272 10.24 22.75 2.22
N PRO A 273 10.21 23.99 2.70
CA PRO A 273 8.99 24.81 2.54
C PRO A 273 8.52 24.92 1.10
N GLU A 274 9.43 24.87 0.12
CA GLU A 274 9.03 24.94 -1.27
C GLU A 274 8.31 23.68 -1.74
N GLU A 275 8.21 22.65 -0.90
CA GLU A 275 7.57 21.39 -1.27
C GLU A 275 6.38 21.04 -0.39
N ARG A 276 6.04 21.87 0.60
CA ARG A 276 4.91 21.57 1.47
C ARG A 276 3.57 21.79 0.80
N GLN A 277 3.55 22.35 -0.40
CA GLN A 277 2.30 22.61 -1.12
C GLN A 277 2.64 22.82 -2.59
N PRO A 278 2.99 21.75 -3.31
CA PRO A 278 3.42 21.91 -4.70
C PRO A 278 2.25 22.13 -5.63
N SER A 279 2.57 22.61 -6.83
CA SER A 279 1.56 22.89 -7.82
C SER A 279 0.78 21.60 -8.13
N PRO A 280 -0.50 21.71 -8.52
CA PRO A 280 -1.27 20.50 -8.81
C PRO A 280 -0.75 19.70 -9.98
N THR A 281 0.19 20.23 -10.76
CA THR A 281 0.73 19.54 -11.93
C THR A 281 2.15 19.04 -11.74
N ASP A 282 2.93 19.68 -10.87
CA ASP A 282 4.30 19.23 -10.63
C ASP A 282 4.30 17.80 -10.13
N PHE A 283 5.16 16.97 -10.70
CA PHE A 283 5.38 15.63 -10.17
C PHE A 283 6.11 15.72 -8.84
N GLN A 284 5.83 14.76 -7.96
CA GLN A 284 6.46 14.69 -6.65
C GLN A 284 7.03 13.29 -6.44
N THR A 285 8.17 13.23 -5.77
CA THR A 285 8.77 11.95 -5.43
C THR A 285 8.07 11.36 -4.21
N SER A 286 8.10 10.04 -4.10
CA SER A 286 7.49 9.34 -2.98
C SER A 286 8.44 8.23 -2.52
N PRO A 287 8.69 8.12 -1.22
CA PRO A 287 9.50 6.97 -0.75
C PRO A 287 8.89 5.63 -1.10
N ALA A 288 7.56 5.53 -1.07
CA ALA A 288 6.87 4.26 -1.29
C ALA A 288 5.74 4.44 -2.28
N MET A 289 5.25 3.32 -2.81
CA MET A 289 4.10 3.28 -3.69
C MET A 289 3.00 2.44 -3.07
N ALA A 290 1.79 2.58 -3.61
CA ALA A 290 0.67 1.78 -3.16
C ALA A 290 0.71 0.37 -3.73
N GLY A 291 1.34 0.19 -4.89
CA GLY A 291 1.49 -1.12 -5.48
C GLY A 291 0.42 -1.42 -6.50
N GLY A 292 0.83 -1.96 -7.66
CA GLY A 292 -0.10 -2.38 -8.68
C GLY A 292 -0.68 -1.28 -9.53
N LEU A 293 -0.36 -0.02 -9.25
CA LEU A 293 -0.77 1.11 -10.09
C LEU A 293 0.48 1.96 -10.33
N PHE A 294 1.29 1.53 -11.28
CA PHE A 294 2.51 2.24 -11.64
C PHE A 294 2.87 1.91 -13.08
N ALA A 295 3.55 2.84 -13.73
CA ALA A 295 4.07 2.66 -15.07
C ALA A 295 5.60 2.68 -15.02
N ALA A 296 6.23 1.90 -15.88
CA ALA A 296 7.68 1.78 -15.85
C ALA A 296 8.20 1.34 -17.20
N ASN A 297 9.38 1.83 -17.55
CA ASN A 297 10.11 1.33 -18.70
C ASN A 297 10.41 -0.15 -18.50
N LYS A 298 10.04 -0.97 -19.48
CA LYS A 298 10.20 -2.41 -19.32
C LYS A 298 11.66 -2.80 -19.10
N ALA A 299 12.57 -2.22 -19.88
CA ALA A 299 13.98 -2.59 -19.79
C ALA A 299 14.57 -2.18 -18.44
N PHE A 300 14.25 -0.97 -17.97
CA PHE A 300 14.77 -0.54 -16.69
C PHE A 300 14.18 -1.33 -15.53
N PHE A 301 12.91 -1.74 -15.66
CA PHE A 301 12.29 -2.53 -14.60
C PHE A 301 13.05 -3.82 -14.35
N PHE A 302 13.55 -4.46 -15.41
CA PHE A 302 14.34 -5.68 -15.23
C PHE A 302 15.76 -5.38 -14.77
N ASP A 303 16.34 -4.26 -15.21
CA ASP A 303 17.68 -3.92 -14.77
C ASP A 303 17.73 -3.55 -13.29
N VAL A 304 16.62 -3.07 -12.73
CA VAL A 304 16.57 -2.62 -11.35
C VAL A 304 16.01 -3.70 -10.42
N GLY A 305 15.94 -4.94 -10.89
CA GLY A 305 15.56 -6.07 -10.05
C GLY A 305 14.19 -6.65 -10.31
N ALA A 306 13.37 -5.99 -11.13
CA ALA A 306 12.02 -6.46 -11.47
C ALA A 306 11.28 -6.72 -10.16
N TYR A 307 10.68 -7.89 -9.95
CA TYR A 307 10.08 -8.30 -8.69
C TYR A 307 10.87 -9.46 -8.11
N ASP A 308 10.82 -9.60 -6.79
CA ASP A 308 11.38 -10.78 -6.12
C ASP A 308 10.36 -11.90 -6.28
N GLU A 309 10.60 -12.79 -7.24
CA GLU A 309 9.62 -13.80 -7.62
C GLU A 309 9.46 -14.89 -6.57
N ASP A 310 10.15 -14.82 -5.43
CA ASP A 310 9.88 -15.69 -4.31
C ASP A 310 8.90 -15.08 -3.32
N PHE A 311 8.38 -13.90 -3.63
CA PHE A 311 7.22 -13.38 -2.93
C PHE A 311 6.01 -14.25 -3.23
N GLN A 312 5.13 -14.40 -2.25
CA GLN A 312 4.03 -15.35 -2.31
C GLN A 312 2.71 -14.62 -2.21
N PHE A 313 1.82 -14.90 -3.17
CA PHE A 313 0.43 -14.45 -3.12
C PHE A 313 0.33 -12.94 -2.94
N TRP A 314 -0.17 -12.48 -1.79
CA TRP A 314 -0.47 -11.08 -1.57
C TRP A 314 0.47 -10.48 -0.54
N GLY A 315 0.82 -9.21 -0.76
CA GLY A 315 1.39 -8.41 0.31
C GLY A 315 2.85 -8.03 0.19
N THR A 316 3.12 -6.74 0.34
CA THR A 316 4.41 -6.14 0.67
C THR A 316 5.36 -6.05 -0.52
N GLU A 317 5.04 -6.62 -1.69
CA GLU A 317 5.92 -6.47 -2.83
C GLU A 317 6.10 -5.01 -3.22
N ASN A 318 5.14 -4.14 -2.86
CA ASN A 318 5.28 -2.73 -3.19
C ASN A 318 6.39 -2.06 -2.41
N LEU A 319 6.67 -2.54 -1.20
CA LEU A 319 7.75 -1.94 -0.40
C LEU A 319 9.11 -2.49 -0.82
N GLU A 320 9.22 -3.81 -1.02
CA GLU A 320 10.44 -4.37 -1.56
C GLU A 320 10.83 -3.68 -2.85
N LEU A 321 9.84 -3.40 -3.71
CA LEU A 321 10.12 -2.68 -4.94
C LEU A 321 10.48 -1.23 -4.66
N SER A 322 9.79 -0.59 -3.72
CA SER A 322 10.08 0.82 -3.43
C SER A 322 11.50 0.99 -2.90
N PHE A 323 11.86 0.23 -1.87
CA PHE A 323 13.20 0.32 -1.31
C PHE A 323 14.25 0.01 -2.37
N ARG A 324 14.06 -1.08 -3.11
CA ARG A 324 15.03 -1.48 -4.11
C ARG A 324 15.15 -0.45 -5.22
N LEU A 325 14.04 0.18 -5.58
CA LEU A 325 14.06 1.20 -6.62
C LEU A 325 14.99 2.35 -6.25
N TRP A 326 14.69 3.02 -5.14
CA TRP A 326 15.48 4.17 -4.73
C TRP A 326 16.94 3.80 -4.49
N GLN A 327 17.19 2.61 -3.95
CA GLN A 327 18.55 2.26 -3.56
C GLN A 327 19.43 1.93 -4.75
N CYS A 328 18.84 1.49 -5.87
CA CYS A 328 19.60 0.94 -6.97
C CYS A 328 19.50 1.81 -8.23
N GLY A 329 19.30 3.11 -8.07
CA GLY A 329 19.38 4.05 -9.17
C GLY A 329 18.07 4.47 -9.79
N GLY A 330 16.93 4.10 -9.21
CA GLY A 330 15.64 4.48 -9.73
C GLY A 330 15.04 5.67 -8.99
N VAL A 331 13.92 6.15 -9.51
CA VAL A 331 13.19 7.27 -8.92
C VAL A 331 11.70 6.93 -8.96
N LEU A 332 11.01 7.18 -7.86
CA LEU A 332 9.58 6.93 -7.71
C LEU A 332 8.87 8.29 -7.66
N GLU A 333 7.91 8.48 -8.55
CA GLU A 333 7.21 9.75 -8.66
C GLU A 333 5.70 9.53 -8.70
N CYS A 334 4.97 10.54 -8.27
CA CYS A 334 3.51 10.55 -8.27
C CYS A 334 3.01 11.57 -9.28
N ALA A 335 2.06 11.17 -10.12
CA ALA A 335 1.52 12.03 -11.16
C ALA A 335 0.17 12.56 -10.73
N PRO A 336 0.09 13.76 -10.14
CA PRO A 336 -1.22 14.27 -9.68
C PRO A 336 -2.23 14.42 -10.80
N CYS A 337 -1.80 14.48 -12.06
N CYS A 337 -1.80 14.48 -12.06
CA CYS A 337 -2.71 14.60 -13.18
CA CYS A 337 -2.71 14.60 -13.18
C CYS A 337 -3.10 13.25 -13.79
C CYS A 337 -3.10 13.25 -13.79
N SER A 338 -2.57 12.15 -13.26
CA SER A 338 -2.94 10.80 -13.68
C SER A 338 -3.78 10.22 -12.54
N ARG A 339 -5.09 10.18 -12.74
CA ARG A 339 -6.03 9.79 -11.70
C ARG A 339 -6.74 8.50 -12.12
N VAL A 340 -6.81 7.54 -11.20
CA VAL A 340 -7.52 6.29 -11.41
C VAL A 340 -8.39 6.01 -10.20
N TYR A 341 -9.66 5.70 -10.44
CA TYR A 341 -10.56 5.30 -9.38
C TYR A 341 -10.34 3.82 -9.03
N HIS A 342 -10.55 3.48 -7.76
CA HIS A 342 -10.23 2.15 -7.27
C HIS A 342 -11.23 1.74 -6.19
N ILE A 343 -11.72 0.51 -6.28
CA ILE A 343 -12.64 -0.03 -5.28
C ILE A 343 -11.79 -0.56 -4.12
N PHE A 344 -11.80 0.16 -3.00
CA PHE A 344 -11.17 -0.34 -1.78
C PHE A 344 -12.15 -1.28 -1.08
N ARG A 345 -11.75 -2.53 -0.89
CA ARG A 345 -12.65 -3.52 -0.33
C ARG A 345 -13.02 -3.16 1.10
N LYS A 346 -14.30 -3.32 1.43
CA LYS A 346 -14.83 -3.00 2.74
C LYS A 346 -15.65 -4.17 3.24
N GLY A 347 -15.42 -4.58 4.49
CA GLY A 347 -16.14 -5.67 5.08
C GLY A 347 -16.11 -6.93 4.24
N GLY A 348 -14.92 -7.34 3.83
CA GLY A 348 -14.78 -8.53 3.02
C GLY A 348 -13.45 -8.56 2.32
N SER A 349 -13.20 -9.68 1.65
CA SER A 349 -11.97 -9.88 0.88
C SER A 349 -12.30 -10.74 -0.33
N GLY A 350 -11.69 -10.41 -1.47
CA GLY A 350 -12.03 -11.07 -2.72
C GLY A 350 -11.41 -12.43 -2.90
N TYR A 351 -10.38 -12.76 -2.13
CA TYR A 351 -9.70 -14.04 -2.26
C TYR A 351 -9.03 -14.35 -0.92
N SER A 352 -8.48 -15.56 -0.83
CA SER A 352 -7.88 -16.05 0.40
C SER A 352 -6.41 -16.35 0.16
N SER A 353 -5.54 -15.68 0.91
CA SER A 353 -4.11 -15.96 0.88
C SER A 353 -3.72 -16.78 2.10
N PRO A 354 -2.73 -17.68 1.99
CA PRO A 354 -2.22 -18.34 3.19
C PRO A 354 -1.75 -17.31 4.22
N GLY A 355 -1.95 -17.65 5.49
CA GLY A 355 -1.61 -16.70 6.54
C GLY A 355 -0.13 -16.40 6.63
N ASP A 356 0.72 -17.38 6.29
CA ASP A 356 2.16 -17.22 6.42
C ASP A 356 2.80 -16.53 5.23
N SER A 357 2.08 -16.39 4.10
CA SER A 357 2.70 -15.80 2.92
C SER A 357 3.06 -14.34 3.16
N ILE A 358 2.21 -13.61 3.88
CA ILE A 358 2.49 -12.20 4.14
C ILE A 358 3.70 -12.05 5.04
N THR A 359 3.83 -12.90 6.05
CA THR A 359 4.98 -12.80 6.95
C THR A 359 6.27 -13.06 6.18
N ILE A 360 6.25 -14.03 5.26
CA ILE A 360 7.43 -14.30 4.43
C ILE A 360 7.81 -13.07 3.63
N ASN A 361 6.84 -12.47 2.94
CA ASN A 361 7.12 -11.31 2.12
C ASN A 361 7.75 -10.19 2.93
N LYS A 362 7.38 -10.07 4.20
CA LYS A 362 7.96 -9.02 5.04
C LYS A 362 9.40 -9.36 5.43
N MET A 363 9.68 -10.64 5.67
CA MET A 363 11.04 -11.05 5.97
C MET A 363 11.95 -10.81 4.76
N ARG A 364 11.47 -11.13 3.56
CA ARG A 364 12.28 -10.87 2.37
C ARG A 364 12.47 -9.37 2.14
N THR A 365 11.47 -8.57 2.48
CA THR A 365 11.61 -7.12 2.37
C THR A 365 12.68 -6.59 3.31
N MET A 366 12.79 -7.18 4.50
CA MET A 366 13.74 -6.71 5.49
C MET A 366 15.19 -6.84 5.04
N LEU A 367 15.44 -7.59 3.96
CA LEU A 367 16.79 -7.62 3.39
C LEU A 367 17.26 -6.23 2.99
N TRP A 368 16.33 -5.35 2.61
CA TRP A 368 16.64 -4.04 2.10
C TRP A 368 16.62 -2.96 3.17
N MET A 369 16.28 -3.30 4.41
CA MET A 369 16.23 -2.35 5.50
C MET A 369 17.51 -2.34 6.35
N ASP A 370 18.47 -3.22 6.04
CA ASP A 370 19.79 -3.23 6.69
C ASP A 370 19.57 -3.30 8.20
N GLU A 371 20.29 -2.51 9.02
CA GLU A 371 20.18 -2.60 10.47
C GLU A 371 18.76 -2.33 10.98
N TYR A 372 17.96 -1.60 10.21
CA TYR A 372 16.61 -1.25 10.64
C TYR A 372 15.68 -2.46 10.68
N ALA A 373 16.05 -3.57 10.06
CA ALA A 373 15.22 -4.76 10.12
C ALA A 373 15.00 -5.25 11.54
N ASP A 374 15.92 -4.93 12.46
CA ASP A 374 15.73 -5.31 13.86
C ASP A 374 14.44 -4.72 14.41
N LEU A 375 14.17 -3.45 14.11
CA LEU A 375 12.94 -2.81 14.60
C LEU A 375 11.71 -3.41 13.91
N ALA A 376 11.74 -3.50 12.58
CA ALA A 376 10.61 -4.05 11.86
C ALA A 376 10.34 -5.49 12.27
N TRP A 377 11.39 -6.30 12.40
CA TRP A 377 11.22 -7.68 12.83
C TRP A 377 10.58 -7.75 14.22
N ARG A 378 10.99 -6.86 15.11
CA ARG A 378 10.39 -6.83 16.45
C ARG A 378 8.94 -6.38 16.39
N VAL A 379 8.61 -5.46 15.49
CA VAL A 379 7.26 -4.92 15.44
C VAL A 379 6.27 -5.98 14.95
N ILE A 380 6.62 -6.70 13.88
CA ILE A 380 5.72 -7.70 13.31
C ILE A 380 5.74 -8.96 14.16
N GLY A 381 6.45 -8.91 15.29
CA GLY A 381 6.38 -9.95 16.29
C GLY A 381 7.47 -10.99 16.27
N LYS A 382 8.70 -10.63 15.93
CA LYS A 382 9.84 -11.55 15.95
C LYS A 382 9.48 -12.90 15.32
N PRO A 383 8.91 -12.90 14.10
CA PRO A 383 8.48 -14.17 13.51
C PRO A 383 9.65 -15.06 13.11
N ARG A 384 9.42 -16.37 13.20
CA ARG A 384 10.37 -17.39 12.75
C ARG A 384 9.65 -18.23 11.70
N VAL A 385 9.72 -17.79 10.45
CA VAL A 385 9.06 -18.45 9.33
C VAL A 385 10.13 -18.83 8.31
N ASN A 386 9.71 -19.60 7.30
CA ASN A 386 10.60 -20.00 6.21
C ASN A 386 10.46 -18.97 5.09
N TYR A 387 11.44 -18.08 4.98
CA TYR A 387 11.46 -17.02 3.99
C TYR A 387 12.30 -17.39 2.77
N ARG A 388 12.46 -18.69 2.51
CA ARG A 388 13.33 -19.18 1.44
C ARG A 388 14.71 -18.57 1.62
N PRO A 389 15.44 -18.94 2.69
CA PRO A 389 16.72 -18.27 2.95
C PRO A 389 17.74 -18.46 1.85
N GLU A 390 17.82 -19.64 1.26
CA GLU A 390 18.76 -19.86 0.16
C GLU A 390 18.46 -18.92 -1.00
N SER A 391 17.18 -18.72 -1.31
CA SER A 391 16.80 -17.81 -2.39
C SER A 391 17.09 -16.37 -2.04
N LEU A 392 16.99 -16.00 -0.76
CA LEU A 392 17.24 -14.61 -0.38
C LEU A 392 18.73 -14.28 -0.40
N GLU A 393 19.60 -15.29 -0.23
CA GLU A 393 21.03 -15.04 -0.30
C GLU A 393 21.44 -14.63 -1.72
N LYS A 394 20.82 -15.24 -2.73
CA LYS A 394 21.08 -14.81 -4.10
C LYS A 394 20.61 -13.38 -4.33
N ARG A 395 19.58 -12.94 -3.59
CA ARG A 395 19.16 -11.55 -3.66
C ARG A 395 20.20 -10.64 -3.01
N ARG A 396 20.79 -11.08 -1.90
CA ARG A 396 21.86 -10.31 -1.26
C ARG A 396 23.01 -10.10 -2.24
N GLU A 397 23.43 -11.17 -2.92
CA GLU A 397 24.51 -11.04 -3.90
C GLU A 397 24.14 -10.05 -5.00
N TRP A 398 22.93 -10.19 -5.56
CA TRP A 398 22.47 -9.25 -6.58
C TRP A 398 22.58 -7.81 -6.07
N ARG A 399 22.19 -7.58 -4.82
CA ARG A 399 22.22 -6.23 -4.27
C ARG A 399 23.63 -5.66 -4.25
N LYS A 400 24.60 -6.48 -3.85
CA LYS A 400 25.98 -6.00 -3.78
C LYS A 400 26.56 -5.78 -5.17
N ARG A 401 26.24 -6.67 -6.12
CA ARG A 401 26.77 -6.55 -7.47
C ARG A 401 26.19 -5.35 -8.20
N LYS A 402 24.94 -4.98 -7.89
CA LYS A 402 24.31 -3.82 -8.52
C LYS A 402 24.81 -2.50 -7.95
N GLY A 403 25.41 -2.51 -6.76
CA GLY A 403 25.86 -1.29 -6.14
C GLY A 403 24.79 -0.53 -5.39
N CYS A 404 23.68 -1.19 -5.04
CA CYS A 404 22.59 -0.51 -4.37
C CYS A 404 23.07 0.15 -3.09
N LYS A 405 22.39 1.23 -2.71
CA LYS A 405 22.75 2.00 -1.53
C LYS A 405 22.07 1.42 -0.30
N SER A 406 22.46 1.96 0.86
CA SER A 406 21.98 1.43 2.13
C SER A 406 20.59 1.98 2.46
N PHE A 407 19.96 1.37 3.47
CA PHE A 407 18.69 1.89 3.95
C PHE A 407 18.89 3.15 4.77
N ARG A 408 20.05 3.31 5.41
CA ARG A 408 20.35 4.55 6.11
C ARG A 408 20.37 5.72 5.11
N TRP A 409 20.99 5.52 3.95
CA TRP A 409 20.91 6.53 2.90
C TRP A 409 19.46 6.76 2.50
N PHE A 410 18.68 5.68 2.37
CA PHE A 410 17.27 5.82 1.99
C PHE A 410 16.52 6.70 3.00
N MET A 411 16.74 6.45 4.29
CA MET A 411 16.01 7.21 5.30
C MET A 411 16.48 8.66 5.32
N GLU A 412 17.78 8.90 5.16
CA GLU A 412 18.32 10.25 5.28
C GLU A 412 18.12 11.09 4.03
N ASN A 413 17.84 10.47 2.89
CA ASN A 413 17.75 11.18 1.63
C ASN A 413 16.43 11.00 0.89
N VAL A 414 15.70 9.92 1.12
CA VAL A 414 14.43 9.67 0.45
C VAL A 414 13.24 9.88 1.38
N PHE A 415 13.33 9.37 2.61
CA PHE A 415 12.27 9.54 3.60
C PHE A 415 12.82 10.21 4.85
N PRO A 416 13.45 11.39 4.72
CA PRO A 416 14.00 12.06 5.91
C PRO A 416 12.94 12.67 6.82
N GLU A 417 11.67 12.59 6.45
CA GLU A 417 10.59 13.14 7.26
C GLU A 417 9.96 12.12 8.19
N GLY A 418 10.42 10.87 8.16
CA GLY A 418 9.92 9.88 9.09
C GLY A 418 10.34 10.16 10.51
N ASP A 419 9.60 9.57 11.45
CA ASP A 419 9.91 9.75 12.88
C ASP A 419 11.10 8.92 13.33
N VAL A 420 11.54 7.96 12.52
CA VAL A 420 12.68 7.09 12.86
C VAL A 420 13.63 7.13 11.66
N VAL A 421 14.50 8.13 11.63
CA VAL A 421 15.46 8.26 10.53
C VAL A 421 16.69 7.40 10.79
N THR A 422 17.21 7.42 12.01
CA THR A 422 18.18 6.44 12.48
C THR A 422 17.59 5.75 13.70
N LEU A 423 18.18 4.60 14.05
CA LEU A 423 17.66 3.86 15.20
C LEU A 423 17.95 4.56 16.52
N ASP A 424 18.74 5.63 16.51
CA ASP A 424 18.87 6.47 17.70
C ASP A 424 17.57 7.20 18.01
N ASP A 425 16.65 7.29 17.04
CA ASP A 425 15.33 7.87 17.26
C ASP A 425 14.41 6.95 18.04
N VAL A 426 14.84 5.73 18.32
CA VAL A 426 14.10 4.79 19.15
C VAL A 426 15.00 4.45 20.34
N PRO A 427 15.10 5.32 21.34
CA PRO A 427 16.05 5.09 22.44
C PRO A 427 15.60 4.05 23.46
N TYR A 428 14.33 3.66 23.47
CA TYR A 428 13.81 2.71 24.44
C TYR A 428 12.94 1.68 23.75
N LEU A 429 13.12 0.41 24.13
CA LEU A 429 12.30 -0.68 23.61
C LEU A 429 12.37 -1.81 24.62
N GLY A 430 11.26 -2.05 25.32
CA GLY A 430 11.21 -3.07 26.33
C GLY A 430 10.11 -2.82 27.34
N PRO A 431 10.13 -3.54 28.46
CA PRO A 431 9.09 -3.35 29.47
C PRO A 431 9.19 -1.99 30.14
N LEU A 432 8.04 -1.36 30.35
CA LEU A 432 7.92 -0.17 31.20
C LEU A 432 7.49 -0.66 32.58
N ARG A 433 8.45 -0.80 33.48
CA ARG A 433 8.25 -1.47 34.75
C ARG A 433 8.34 -0.46 35.89
N ASN A 434 7.35 -0.47 36.78
CA ASN A 434 7.39 0.30 38.02
C ASN A 434 7.88 -0.63 39.13
N ASP A 435 9.05 -0.32 39.69
CA ASP A 435 9.66 -1.20 40.68
C ASP A 435 8.87 -1.21 41.99
N LYS A 436 8.18 -0.11 42.30
CA LYS A 436 7.49 -0.01 43.58
C LYS A 436 6.43 -1.10 43.73
N ILE A 437 5.52 -1.20 42.75
CA ILE A 437 4.50 -2.24 42.79
C ILE A 437 4.95 -3.53 42.11
N GLY A 438 6.06 -3.49 41.37
CA GLY A 438 6.57 -4.68 40.72
C GLY A 438 5.70 -5.15 39.59
N MET A 439 5.33 -4.24 38.70
CA MET A 439 4.43 -4.57 37.61
C MET A 439 4.82 -3.75 36.37
N CYS A 440 4.62 -4.37 35.22
CA CYS A 440 4.87 -3.75 33.92
C CYS A 440 3.57 -3.23 33.33
N LEU A 441 3.71 -2.29 32.39
CA LEU A 441 2.56 -1.89 31.58
C LEU A 441 2.22 -3.02 30.62
N ASP A 442 0.93 -3.21 30.38
CA ASP A 442 0.45 -4.34 29.59
C ASP A 442 -0.63 -3.84 28.64
N ASN A 443 -0.48 -4.16 27.34
CA ASN A 443 -1.48 -3.76 26.37
C ASN A 443 -2.78 -4.55 26.51
N MET A 444 -2.80 -5.59 27.34
CA MET A 444 -4.01 -6.33 27.67
C MET A 444 -4.54 -7.12 26.47
N GLY A 445 -3.64 -7.65 25.67
CA GLY A 445 -3.99 -8.50 24.54
C GLY A 445 -4.15 -7.77 23.22
N TRP A 446 -4.71 -6.57 23.25
CA TRP A 446 -4.95 -5.78 22.04
C TRP A 446 -3.98 -4.63 21.98
N ALA A 447 -2.93 -4.77 21.15
CA ALA A 447 -2.10 -3.63 20.80
C ALA A 447 -2.83 -2.67 19.87
N SER A 448 -3.97 -3.08 19.32
CA SER A 448 -4.76 -2.19 18.49
C SER A 448 -5.26 -1.00 19.31
N PRO A 449 -5.42 0.16 18.70
CA PRO A 449 -5.82 1.34 19.48
C PRO A 449 -7.27 1.25 19.94
N GLY A 450 -7.59 2.08 20.92
CA GLY A 450 -8.96 2.22 21.39
C GLY A 450 -9.31 1.47 22.65
N HIS A 451 -8.32 0.92 23.37
CA HIS A 451 -8.56 0.18 24.59
C HIS A 451 -7.60 0.66 25.66
N ALA A 452 -7.82 0.19 26.89
CA ALA A 452 -7.11 0.70 28.06
C ALA A 452 -5.88 -0.13 28.38
N VAL A 453 -4.80 0.57 28.75
CA VAL A 453 -3.58 -0.08 29.22
C VAL A 453 -3.77 -0.51 30.67
N GLY A 454 -3.02 -1.55 31.07
CA GLY A 454 -3.13 -2.10 32.41
C GLY A 454 -1.77 -2.30 33.04
N LEU A 455 -1.79 -2.85 34.26
CA LEU A 455 -0.60 -3.18 35.02
C LEU A 455 -0.66 -4.66 35.38
N GLU A 456 0.43 -5.37 35.12
CA GLU A 456 0.47 -6.82 35.33
C GLU A 456 1.86 -7.24 35.75
N TYR A 457 1.94 -8.37 36.44
CA TYR A 457 3.23 -8.96 36.76
C TYR A 457 4.01 -9.22 35.48
N CYS A 458 5.29 -8.88 35.50
CA CYS A 458 6.09 -8.92 34.27
C CYS A 458 6.41 -10.36 33.88
N HIS A 459 6.22 -10.66 32.59
CA HIS A 459 6.54 -11.98 32.06
C HIS A 459 7.44 -11.96 30.83
N GLY A 460 7.76 -10.79 30.28
CA GLY A 460 8.70 -10.69 29.19
C GLY A 460 8.09 -10.74 27.80
N GLY A 461 6.87 -11.26 27.66
CA GLY A 461 6.24 -11.36 26.37
C GLY A 461 6.06 -10.01 25.70
N ASP A 462 5.76 -10.05 24.41
CA ASP A 462 5.64 -8.84 23.62
C ASP A 462 4.48 -7.96 24.06
N THR A 463 3.48 -8.52 24.73
CA THR A 463 2.37 -7.71 25.20
C THR A 463 2.80 -6.68 26.24
N GLN A 464 4.01 -6.79 26.77
CA GLN A 464 4.51 -5.87 27.79
C GLN A 464 5.69 -5.04 27.32
N THR A 465 6.08 -5.13 26.05
CA THR A 465 7.18 -4.32 25.52
C THR A 465 6.61 -3.07 24.86
N PHE A 466 7.19 -1.92 25.20
CA PHE A 466 6.82 -0.64 24.62
C PHE A 466 8.07 0.06 24.10
N MET A 467 7.91 0.84 23.04
CA MET A 467 9.01 1.56 22.43
C MET A 467 8.69 3.06 22.41
N PHE A 468 9.73 3.86 22.18
CA PHE A 468 9.65 5.30 22.28
C PHE A 468 10.20 5.93 21.01
N PHE A 469 9.39 6.74 20.34
CA PHE A 469 9.82 7.51 19.18
C PHE A 469 10.04 8.95 19.64
N ARG A 470 11.31 9.36 19.76
CA ARG A 470 11.63 10.60 20.43
C ARG A 470 11.22 11.83 19.63
N LYS A 471 11.19 11.73 18.30
CA LYS A 471 10.86 12.91 17.50
C LYS A 471 9.42 13.37 17.73
N VAL A 472 8.54 12.48 18.21
CA VAL A 472 7.14 12.83 18.43
C VAL A 472 6.73 12.46 19.86
N GLY A 473 7.70 12.05 20.67
CA GLY A 473 7.40 11.69 22.05
C GLY A 473 6.33 10.63 22.19
N HIS A 474 6.29 9.68 21.27
CA HIS A 474 5.24 8.67 21.24
C HIS A 474 5.65 7.44 22.05
N VAL A 475 4.73 6.95 22.87
CA VAL A 475 4.88 5.71 23.60
C VAL A 475 3.94 4.70 22.96
N MET A 476 4.50 3.70 22.28
CA MET A 476 3.72 2.75 21.52
C MET A 476 3.96 1.33 22.01
N PRO A 477 2.98 0.44 21.86
CA PRO A 477 3.29 -0.99 21.95
C PRO A 477 4.11 -1.42 20.75
N VAL A 478 5.12 -2.25 21.01
CA VAL A 478 6.07 -2.60 19.95
C VAL A 478 5.35 -3.21 18.74
N ASN A 479 4.19 -3.81 18.93
CA ASN A 479 3.49 -4.52 17.86
C ASN A 479 2.52 -3.63 17.07
N ASP A 480 2.58 -2.31 17.26
CA ASP A 480 1.73 -1.41 16.51
C ASP A 480 2.17 0.04 16.70
N ASP A 481 2.85 0.60 15.70
CA ASP A 481 3.31 1.98 15.76
C ASP A 481 2.25 2.97 15.30
N GLU A 482 0.99 2.55 15.21
CA GLU A 482 -0.14 3.45 15.05
C GLU A 482 -0.92 3.62 16.35
N ALA A 483 -0.54 2.93 17.41
CA ALA A 483 -1.19 3.03 18.71
C ALA A 483 -0.27 3.77 19.67
N CYS A 484 -0.79 4.82 20.29
CA CYS A 484 0.01 5.68 21.16
C CYS A 484 -0.64 5.80 22.53
N LEU A 485 0.21 5.83 23.56
CA LEU A 485 -0.27 6.04 24.91
C LEU A 485 -0.80 7.46 25.08
N GLN A 486 -1.82 7.60 25.93
CA GLN A 486 -2.38 8.90 26.28
C GLN A 486 -2.51 8.99 27.80
N PRO A 487 -2.49 10.20 28.34
CA PRO A 487 -2.62 10.35 29.80
C PRO A 487 -3.93 9.80 30.34
N SER A 488 -4.93 9.57 29.49
CA SER A 488 -6.16 8.91 29.90
C SER A 488 -5.94 7.46 30.29
N GLY A 489 -4.73 6.93 30.16
CA GLY A 489 -4.46 5.54 30.44
C GLY A 489 -4.82 4.59 29.31
N ARG A 490 -5.25 5.11 28.17
CA ARG A 490 -5.72 4.30 27.06
C ARG A 490 -4.87 4.57 25.82
N LEU A 491 -4.79 3.57 24.95
CA LEU A 491 -4.08 3.73 23.68
C LEU A 491 -5.04 4.24 22.60
N ASP A 492 -4.50 5.04 21.69
CA ASP A 492 -5.31 5.61 20.62
C ASP A 492 -4.44 5.84 19.39
N TRP A 493 -5.09 6.18 18.29
CA TRP A 493 -4.40 6.37 17.02
C TRP A 493 -3.36 7.48 17.15
N CYS A 494 -2.15 7.20 16.66
CA CYS A 494 -1.04 8.13 16.81
C CYS A 494 -1.21 9.32 15.89
N ARG A 495 -1.02 10.53 16.45
CA ARG A 495 -0.96 11.76 15.68
C ARG A 495 0.26 12.55 16.13
N GLY A 496 0.86 13.26 15.19
CA GLY A 496 2.05 14.05 15.50
C GLY A 496 1.71 15.39 16.12
N THR A 497 1.02 15.37 17.25
CA THR A 497 0.58 16.58 17.93
C THR A 497 0.90 16.47 19.41
N ALA A 498 0.64 17.57 20.15
CA ALA A 498 0.89 17.58 21.58
C ALA A 498 -0.01 16.61 22.33
N GLN A 499 -1.08 16.12 21.69
CA GLN A 499 -1.99 15.20 22.34
C GLN A 499 -1.28 13.91 22.76
N PHE A 500 -0.15 13.57 22.13
CA PHE A 500 0.50 12.29 22.35
C PHE A 500 1.97 12.41 22.76
N TRP A 501 2.47 13.63 22.98
CA TRP A 501 3.89 13.81 23.24
C TRP A 501 4.19 13.54 24.72
N TRP A 502 5.04 12.55 24.96
CA TRP A 502 5.55 12.24 26.29
C TRP A 502 7.04 12.52 26.35
N ASP A 503 7.50 12.95 27.52
CA ASP A 503 8.92 13.05 27.82
C ASP A 503 9.26 11.98 28.86
N PHE A 504 10.41 11.33 28.68
CA PHE A 504 10.90 10.33 29.62
C PHE A 504 12.10 10.95 30.34
N THR A 505 11.88 11.39 31.59
CA THR A 505 12.86 12.18 32.30
C THR A 505 14.05 11.32 32.72
N SER A 506 15.13 12.01 33.11
CA SER A 506 16.37 11.34 33.51
C SER A 506 16.25 10.62 34.85
N SER A 507 15.18 10.86 35.61
CA SER A 507 14.93 10.15 36.85
C SER A 507 13.93 9.01 36.68
N GLY A 508 13.39 8.82 35.48
CA GLY A 508 12.51 7.70 35.18
C GLY A 508 11.04 8.01 35.08
N GLN A 509 10.66 9.27 34.85
CA GLN A 509 9.26 9.66 34.85
C GLN A 509 8.71 9.71 33.43
N LEU A 510 7.43 9.36 33.30
CA LEU A 510 6.69 9.52 32.05
C LEU A 510 5.86 10.79 32.19
N MET A 511 6.40 11.91 31.69
CA MET A 511 5.80 13.22 31.87
C MET A 511 5.08 13.62 30.58
N PHE A 512 3.76 13.76 30.66
CA PHE A 512 3.00 14.34 29.56
C PHE A 512 3.43 15.79 29.39
N ARG A 513 4.08 16.10 28.28
CA ARG A 513 4.68 17.42 28.11
C ARG A 513 3.64 18.53 28.19
N GLU A 514 2.44 18.28 27.64
CA GLU A 514 1.46 19.36 27.52
C GLU A 514 1.00 19.87 28.88
N THR A 515 0.92 18.99 29.88
CA THR A 515 0.44 19.37 31.21
C THR A 515 1.51 19.27 32.28
N LYS A 516 2.72 18.83 31.93
CA LYS A 516 3.82 18.70 32.88
C LYS A 516 3.39 17.87 34.10
N GLN A 517 2.59 16.85 33.85
CA GLN A 517 2.18 15.89 34.87
C GLN A 517 2.72 14.51 34.53
N CYS A 518 3.06 13.75 35.57
CA CYS A 518 3.74 12.48 35.44
C CYS A 518 2.78 11.32 35.69
N LEU A 519 3.09 10.16 35.10
CA LEU A 519 2.26 8.97 35.20
C LEU A 519 2.64 8.17 36.43
N SER A 520 1.64 7.77 37.21
CA SER A 520 1.85 7.03 38.45
C SER A 520 1.14 5.68 38.37
N ALA A 521 1.70 4.70 39.08
CA ALA A 521 1.13 3.37 39.19
C ALA A 521 0.53 3.12 40.58
N PHE A 522 0.26 4.18 41.32
CA PHE A 522 -0.23 4.04 42.69
C PHE A 522 -1.55 3.27 42.72
N GLY A 523 -1.61 2.27 43.60
CA GLY A 523 -2.83 1.50 43.77
C GLY A 523 -3.21 0.66 42.57
N ARG A 524 -2.23 0.21 41.80
CA ARG A 524 -2.45 -0.61 40.59
C ARG A 524 -3.40 0.08 39.62
N LYS A 525 -3.50 1.41 39.68
CA LYS A 525 -4.22 2.20 38.70
C LYS A 525 -3.26 3.24 38.12
N LEU A 526 -3.55 3.65 36.88
CA LEU A 526 -2.72 4.61 36.17
C LEU A 526 -3.38 5.98 36.25
N ARG A 527 -2.74 6.90 36.97
CA ARG A 527 -3.26 8.24 37.17
C ARG A 527 -2.14 9.25 36.97
N MET A 528 -2.51 10.44 36.52
CA MET A 528 -1.58 11.55 36.36
C MET A 528 -1.49 12.32 37.67
N VAL A 529 -0.26 12.63 38.09
CA VAL A 529 0.00 13.28 39.36
C VAL A 529 1.03 14.38 39.15
N GLU A 530 1.19 15.23 40.16
CA GLU A 530 2.22 16.26 40.11
C GLU A 530 3.59 15.57 40.13
N CYS A 531 4.48 16.02 39.25
CA CYS A 531 5.76 15.33 39.07
C CYS A 531 6.63 15.53 40.30
N ASP A 532 6.97 14.42 40.96
CA ASP A 532 7.86 14.41 42.12
C ASP A 532 8.78 13.21 41.97
N ASP A 533 10.06 13.45 41.69
CA ASP A 533 11.00 12.36 41.48
C ASP A 533 11.36 11.62 42.75
N THR A 534 10.82 12.03 43.90
CA THR A 534 10.99 11.31 45.15
C THR A 534 9.82 10.37 45.43
N ASP A 535 8.90 10.24 44.47
CA ASP A 535 7.72 9.39 44.63
C ASP A 535 7.92 8.12 43.81
N PRO A 536 8.17 6.97 44.43
CA PRO A 536 8.51 5.77 43.65
C PRO A 536 7.39 5.30 42.74
N TYR A 537 6.14 5.71 42.99
CA TYR A 537 5.03 5.21 42.19
C TYR A 537 4.97 5.83 40.81
N GLN A 538 5.76 6.87 40.54
CA GLN A 538 5.84 7.47 39.21
C GLN A 538 7.21 7.27 38.57
N ILE A 539 8.06 6.45 39.16
CA ILE A 539 9.37 6.13 38.59
C ILE A 539 9.24 4.85 37.78
N TRP A 540 9.66 4.91 36.52
CA TRP A 540 9.58 3.78 35.62
C TRP A 540 10.97 3.43 35.09
N SER A 541 11.19 2.14 34.85
CA SER A 541 12.39 1.65 34.20
C SER A 541 12.04 1.20 32.79
N TRP A 542 12.90 1.55 31.83
CA TRP A 542 12.64 1.26 30.43
C TRP A 542 13.93 0.85 29.75
N THR A 543 13.94 -0.34 29.17
CA THR A 543 15.15 -0.85 28.54
C THR A 543 15.59 0.07 27.40
N ALA A 544 16.89 0.40 27.38
CA ALA A 544 17.44 1.14 26.26
C ALA A 544 17.53 0.24 25.03
N TYR A 545 17.24 0.80 23.87
CA TYR A 545 17.32 0.07 22.61
C TYR A 545 18.70 0.33 22.00
N ASN A 546 19.53 -0.71 21.97
CA ASN A 546 20.89 -0.64 21.43
C ASN A 546 21.07 -1.75 20.42
N PRO A 547 20.42 -1.65 19.26
CA PRO A 547 20.44 -2.75 18.30
C PRO A 547 21.82 -2.91 17.68
N PRO A 548 22.15 -4.08 17.15
CA PRO A 548 23.45 -4.27 16.52
C PRO A 548 23.54 -3.55 15.19
N ASP A 549 24.77 -3.30 14.75
CA ASP A 549 24.99 -2.63 13.48
C ASP A 549 24.51 -3.45 12.29
N THR A 550 24.28 -4.74 12.48
CA THR A 550 23.88 -5.65 11.42
C THR A 550 22.73 -6.52 11.89
N PHE A 551 21.73 -6.70 11.03
CA PHE A 551 20.62 -7.59 11.31
C PHE A 551 20.94 -8.98 10.77
N THR A 552 21.00 -9.96 11.67
CA THR A 552 21.26 -11.34 11.31
C THR A 552 19.94 -12.09 11.28
N PHE A 553 19.51 -12.49 10.08
CA PHE A 553 18.20 -13.11 9.94
C PHE A 553 18.06 -14.32 10.85
N PRO A 554 16.85 -14.63 11.30
CA PRO A 554 16.65 -15.86 12.08
C PRO A 554 16.77 -17.10 11.22
N SER A 555 17.14 -18.20 11.86
CA SER A 555 17.32 -19.47 11.17
C SER A 555 15.97 -20.03 10.73
N VAL A 556 16.02 -21.18 10.07
CA VAL A 556 14.81 -21.87 9.62
C VAL A 556 15.00 -23.38 9.81
N THR B 1 -5.35 -8.80 2.47
CA THR B 1 -5.55 -8.72 1.03
C THR B 1 -6.23 -7.41 0.66
N THR B 2 -5.85 -6.33 1.34
CA THR B 2 -6.48 -5.04 1.14
C THR B 2 -5.51 -3.92 1.50
N THR B 3 -5.29 -3.01 0.56
CA THR B 3 -4.61 -1.75 0.85
C THR B 3 -5.68 -0.71 1.17
N THR B 4 -5.46 0.05 2.25
CA THR B 4 -6.49 0.97 2.74
C THR B 4 -6.33 2.35 2.11
N LYS B 5 -7.45 3.05 1.99
CA LYS B 5 -7.47 4.37 1.37
C LYS B 5 -6.86 5.40 2.30
N LYS B 6 -6.13 6.35 1.73
CA LYS B 6 -5.55 7.43 2.53
C LYS B 6 -6.66 8.13 3.32
N PRO B 7 -6.39 8.54 4.58
CA PRO B 7 -7.44 9.24 5.33
C PRO B 7 -7.95 10.49 4.61
#